data_4BNC
#
_entry.id   4BNC
#
_cell.length_a   64.883
_cell.length_b   64.883
_cell.length_c   129.587
_cell.angle_alpha   90.00
_cell.angle_beta   90.00
_cell.angle_gamma   90.00
#
_symmetry.space_group_name_H-M   'P 43 2 2'
#
loop_
_entity.id
_entity.type
_entity.pdbx_description
1 polymer 'HUMAN ETV1'
2 polymer "5'-D(*AP*CP*CP*GP*GP*AP*AP*GP*TP*GP)-3'"
3 polymer "5'-D(*CP*AP*CP*TP*TP*CP*CP*GP*GP*TP)-3'"
#
loop_
_entity_poly.entity_id
_entity_poly.type
_entity_poly.pdbx_seq_one_letter_code
_entity_poly.pdbx_strand_id
1 'polypeptide(L)'
;SMGPTSQRRGSLQLWQFLVALLDDPSNSHFIAWTGRGMEFKLIEPEEVARRWGIQKNRPAMNYDKLSRSLRYYYEKGIMQ
KVAGERYVYKFVCDPEALFSMAFSDN
;
A
2 'polydeoxyribonucleotide' (DA)(DC)(DC)(DG)(DG)(DA)(DA)(DG)(DT)(DG) B
3 'polydeoxyribonucleotide' (DC)(DA)(DC)(DT)(DT)(DC)(DC)(DG)(DG)(DT) C
#
loop_
_chem_comp.id
_chem_comp.type
_chem_comp.name
_chem_comp.formula
DA DNA linking 2'-DEOXYADENOSINE-5'-MONOPHOSPHATE 'C10 H14 N5 O6 P'
DC DNA linking 2'-DEOXYCYTIDINE-5'-MONOPHOSPHATE 'C9 H14 N3 O7 P'
DG DNA linking 2'-DEOXYGUANOSINE-5'-MONOPHOSPHATE 'C10 H14 N5 O7 P'
DT DNA linking THYMIDINE-5'-MONOPHOSPHATE 'C10 H15 N2 O8 P'
#
# COMPACT_ATOMS: atom_id res chain seq x y z
N SER A 11 -2.25 -3.88 -15.57
CA SER A 11 -1.02 -3.08 -15.60
C SER A 11 -1.03 -2.03 -14.44
N LEU A 12 -1.16 -2.52 -13.17
CA LEU A 12 -1.27 -1.66 -11.99
C LEU A 12 -0.07 -1.70 -11.09
N GLN A 13 0.29 -0.53 -10.55
CA GLN A 13 1.35 -0.42 -9.55
C GLN A 13 0.71 -0.72 -8.20
N LEU A 14 1.50 -1.24 -7.24
CA LEU A 14 1.02 -1.60 -5.91
C LEU A 14 0.40 -0.39 -5.22
N TRP A 15 1.10 0.75 -5.11
CA TRP A 15 0.53 1.94 -4.45
C TRP A 15 -0.86 2.31 -5.07
N GLN A 16 -1.02 2.18 -6.40
CA GLN A 16 -2.27 2.44 -7.12
C GLN A 16 -3.33 1.43 -6.72
N PHE A 17 -2.94 0.12 -6.65
CA PHE A 17 -3.83 -0.98 -6.23
C PHE A 17 -4.35 -0.71 -4.81
N LEU A 18 -3.47 -0.28 -3.87
CA LEU A 18 -3.88 0.02 -2.51
C LEU A 18 -4.77 1.28 -2.47
N VAL A 19 -4.44 2.35 -3.21
CA VAL A 19 -5.27 3.57 -3.30
C VAL A 19 -6.73 3.19 -3.68
N ALA A 20 -6.90 2.22 -4.62
CA ALA A 20 -8.20 1.71 -5.07
C ALA A 20 -8.95 0.97 -3.93
N LEU A 21 -8.33 -0.06 -3.32
CA LEU A 21 -8.92 -0.81 -2.21
C LEU A 21 -9.31 0.11 -1.04
N LEU A 22 -8.38 1.01 -0.65
CA LEU A 22 -8.53 1.97 0.44
C LEU A 22 -9.73 2.88 0.27
N ASP A 23 -9.92 3.41 -0.95
CA ASP A 23 -10.99 4.35 -1.30
C ASP A 23 -12.42 3.93 -0.83
N ASP A 24 -12.99 2.81 -1.36
CA ASP A 24 -14.35 2.40 -0.94
C ASP A 24 -14.34 1.72 0.46
N PRO A 25 -15.39 1.96 1.30
CA PRO A 25 -15.41 1.34 2.64
C PRO A 25 -15.96 -0.08 2.63
N SER A 26 -16.08 -0.66 1.42
CA SER A 26 -16.53 -2.04 1.19
C SER A 26 -15.40 -3.03 1.62
N ASN A 27 -14.16 -2.50 1.80
CA ASN A 27 -12.93 -3.21 2.17
C ASN A 27 -12.44 -2.84 3.60
N SER A 28 -13.27 -2.10 4.38
CA SER A 28 -13.02 -1.63 5.76
C SER A 28 -12.49 -2.69 6.72
N HIS A 29 -12.80 -3.98 6.44
CA HIS A 29 -12.45 -5.11 7.29
C HIS A 29 -11.00 -5.64 7.09
N PHE A 30 -10.32 -5.32 5.96
CA PHE A 30 -8.96 -5.80 5.72
C PHE A 30 -7.96 -4.67 5.40
N ILE A 31 -8.42 -3.50 4.92
CA ILE A 31 -7.55 -2.36 4.59
C ILE A 31 -8.33 -1.04 4.72
N ALA A 32 -7.75 -0.02 5.41
CA ALA A 32 -8.42 1.26 5.64
C ALA A 32 -7.46 2.38 6.04
N TRP A 33 -7.90 3.65 5.85
CA TRP A 33 -7.18 4.85 6.28
C TRP A 33 -7.39 5.04 7.79
N THR A 34 -6.32 5.40 8.52
CA THR A 34 -6.32 5.63 9.97
C THR A 34 -7.08 6.92 10.32
N GLY A 35 -6.99 7.91 9.44
CA GLY A 35 -7.62 9.21 9.65
C GLY A 35 -6.61 10.23 10.15
N ARG A 36 -5.40 9.74 10.51
CA ARG A 36 -4.28 10.57 10.95
C ARG A 36 -3.48 10.87 9.68
N GLY A 37 -4.11 11.60 8.77
CA GLY A 37 -3.55 11.94 7.48
C GLY A 37 -3.57 10.75 6.55
N MET A 38 -2.51 10.63 5.71
CA MET A 38 -2.30 9.57 4.71
C MET A 38 -1.94 8.21 5.33
N GLU A 39 -2.06 8.09 6.66
CA GLU A 39 -1.81 6.86 7.40
C GLU A 39 -2.88 5.83 7.05
N PHE A 40 -2.46 4.59 6.76
CA PHE A 40 -3.36 3.49 6.42
C PHE A 40 -2.87 2.20 7.04
N LYS A 41 -3.78 1.37 7.53
CA LYS A 41 -3.40 0.08 8.11
C LYS A 41 -3.99 -1.05 7.30
N LEU A 42 -3.20 -2.13 7.13
CA LEU A 42 -3.63 -3.37 6.50
C LEU A 42 -4.17 -4.25 7.63
N ILE A 43 -5.47 -4.08 8.00
CA ILE A 43 -6.21 -4.76 9.08
C ILE A 43 -6.03 -6.30 9.02
N GLU A 44 -6.14 -6.88 7.81
CA GLU A 44 -5.91 -8.31 7.53
C GLU A 44 -4.88 -8.35 6.38
N PRO A 45 -3.55 -8.37 6.71
CA PRO A 45 -2.53 -8.27 5.65
C PRO A 45 -2.55 -9.40 4.64
N GLU A 46 -2.79 -10.64 5.09
CA GLU A 46 -2.81 -11.79 4.19
C GLU A 46 -3.90 -11.70 3.11
N GLU A 47 -5.03 -10.99 3.39
CA GLU A 47 -6.08 -10.80 2.38
C GLU A 47 -5.61 -9.74 1.38
N VAL A 48 -5.03 -8.61 1.86
CA VAL A 48 -4.49 -7.57 0.97
C VAL A 48 -3.46 -8.23 0.04
N ALA A 49 -2.68 -9.18 0.59
CA ALA A 49 -1.68 -9.98 -0.12
C ALA A 49 -2.33 -10.90 -1.15
N ARG A 50 -3.41 -11.63 -0.75
CA ARG A 50 -4.19 -12.57 -1.58
C ARG A 50 -4.74 -11.86 -2.81
N ARG A 51 -5.32 -10.65 -2.60
CA ARG A 51 -5.94 -9.79 -3.59
C ARG A 51 -4.91 -9.21 -4.58
N TRP A 52 -3.73 -8.81 -4.09
CA TRP A 52 -2.62 -8.31 -4.92
C TRP A 52 -2.12 -9.45 -5.83
N GLY A 53 -2.10 -10.67 -5.28
CA GLY A 53 -1.74 -11.90 -5.97
C GLY A 53 -2.64 -12.22 -7.15
N ILE A 54 -3.98 -12.19 -6.94
CA ILE A 54 -4.98 -12.47 -8.00
C ILE A 54 -4.84 -11.42 -9.10
N GLN A 55 -4.62 -10.15 -8.70
CA GLN A 55 -4.43 -8.97 -9.55
C GLN A 55 -3.22 -9.11 -10.51
N LYS A 56 -2.08 -9.62 -10.02
CA LYS A 56 -0.86 -9.77 -10.82
C LYS A 56 -0.63 -11.23 -11.31
N ASN A 57 -1.60 -12.13 -11.05
CA ASN A 57 -1.52 -13.58 -11.32
C ASN A 57 -0.19 -14.13 -10.76
N ARG A 58 0.04 -13.87 -9.45
CA ARG A 58 1.16 -14.34 -8.64
C ARG A 58 0.51 -15.06 -7.47
N PRO A 59 0.02 -16.32 -7.67
CA PRO A 59 -0.72 -17.00 -6.58
C PRO A 59 0.11 -17.26 -5.33
N ALA A 60 1.44 -17.04 -5.41
CA ALA A 60 2.39 -17.24 -4.32
C ALA A 60 2.49 -16.03 -3.37
N MET A 61 1.65 -15.00 -3.57
CA MET A 61 1.74 -13.76 -2.81
C MET A 61 1.24 -13.90 -1.37
N ASN A 62 2.07 -13.38 -0.45
CA ASN A 62 1.86 -13.29 1.00
C ASN A 62 2.27 -11.88 1.44
N TYR A 63 2.12 -11.55 2.73
CA TYR A 63 2.47 -10.22 3.24
C TYR A 63 3.99 -9.98 3.28
N ASP A 64 4.84 -11.03 3.50
CA ASP A 64 6.29 -10.83 3.53
C ASP A 64 6.79 -10.33 2.17
N LYS A 65 6.21 -10.84 1.07
CA LYS A 65 6.61 -10.41 -0.28
C LYS A 65 6.06 -9.02 -0.59
N LEU A 66 4.75 -8.81 -0.34
CA LEU A 66 4.05 -7.51 -0.54
C LEU A 66 4.73 -6.38 0.28
N SER A 67 5.19 -6.67 1.51
CA SER A 67 5.82 -5.66 2.35
C SER A 67 7.20 -5.25 1.83
N ARG A 68 7.91 -6.15 1.09
CA ARG A 68 9.23 -5.82 0.53
C ARG A 68 9.05 -4.74 -0.50
N SER A 69 7.95 -4.87 -1.32
CA SER A 69 7.58 -3.96 -2.40
C SER A 69 7.17 -2.62 -1.81
N LEU A 70 6.57 -2.63 -0.60
CA LEU A 70 6.18 -1.41 0.15
C LEU A 70 7.41 -0.77 0.71
N ARG A 71 8.38 -1.59 1.12
CA ARG A 71 9.66 -1.18 1.69
C ARG A 71 10.52 -0.57 0.56
N TYR A 72 10.33 -1.01 -0.69
CA TYR A 72 11.03 -0.42 -1.83
C TYR A 72 10.48 0.98 -2.09
N TYR A 73 9.24 1.23 -1.68
CA TYR A 73 8.61 2.54 -1.83
C TYR A 73 9.21 3.54 -0.88
N TYR A 74 9.95 3.08 0.16
CA TYR A 74 10.60 3.98 1.13
C TYR A 74 11.69 4.79 0.40
N GLU A 75 12.55 4.08 -0.38
CA GLU A 75 13.65 4.61 -1.20
C GLU A 75 13.15 5.49 -2.34
N LYS A 76 11.93 5.21 -2.87
CA LYS A 76 11.31 5.96 -3.97
C LYS A 76 10.73 7.29 -3.48
N GLY A 77 10.46 7.37 -2.18
CA GLY A 77 9.89 8.56 -1.55
C GLY A 77 8.38 8.57 -1.50
N ILE A 78 7.72 7.64 -2.22
CA ILE A 78 6.26 7.47 -2.33
C ILE A 78 5.62 7.22 -0.93
N MET A 79 6.22 6.35 -0.06
CA MET A 79 5.65 6.09 1.27
C MET A 79 6.67 5.65 2.33
N GLN A 80 6.24 5.66 3.59
CA GLN A 80 7.08 5.26 4.71
C GLN A 80 6.27 4.58 5.81
N LYS A 81 6.96 3.88 6.72
CA LYS A 81 6.36 3.12 7.82
C LYS A 81 5.89 4.03 8.92
N VAL A 82 4.68 3.79 9.47
CA VAL A 82 4.15 4.53 10.60
C VAL A 82 4.57 3.76 11.87
N ALA A 83 5.90 3.72 12.14
CA ALA A 83 6.58 3.01 13.22
C ALA A 83 5.84 3.04 14.55
N GLY A 84 5.76 1.88 15.20
CA GLY A 84 5.11 1.70 16.49
C GLY A 84 3.71 1.13 16.39
N GLU A 85 3.07 1.33 15.20
CA GLU A 85 1.71 0.85 14.91
C GLU A 85 1.79 -0.27 13.85
N ARG A 86 1.58 -1.54 14.27
CA ARG A 86 1.67 -2.75 13.43
C ARG A 86 0.74 -2.65 12.22
N TYR A 87 1.28 -2.97 11.04
CA TYR A 87 0.67 -2.98 9.70
C TYR A 87 0.21 -1.58 9.24
N VAL A 88 0.56 -0.49 9.96
CA VAL A 88 0.22 0.87 9.58
C VAL A 88 1.40 1.50 8.81
N TYR A 89 1.12 2.00 7.58
CA TYR A 89 2.04 2.70 6.66
C TYR A 89 1.48 4.09 6.34
N LYS A 90 2.29 4.99 5.76
CA LYS A 90 1.81 6.32 5.40
C LYS A 90 2.35 6.75 4.06
N PHE A 91 1.54 7.51 3.25
CA PHE A 91 1.97 8.08 1.97
C PHE A 91 2.73 9.40 2.22
N VAL A 92 3.94 9.55 1.65
CA VAL A 92 4.74 10.77 1.83
C VAL A 92 4.15 11.88 0.95
N CYS A 93 3.78 13.02 1.58
CA CYS A 93 3.18 14.17 0.88
C CYS A 93 4.19 15.28 0.67
N ASP A 94 5.10 15.09 -0.30
CA ASP A 94 6.12 16.09 -0.64
C ASP A 94 6.24 16.20 -2.17
N PRO A 95 6.78 17.31 -2.73
CA PRO A 95 6.85 17.45 -4.21
C PRO A 95 7.61 16.34 -4.94
N GLU A 96 8.53 15.64 -4.26
CA GLU A 96 9.29 14.53 -4.85
C GLU A 96 8.35 13.35 -5.10
N ALA A 97 7.52 12.99 -4.10
CA ALA A 97 6.53 11.90 -4.17
C ALA A 97 5.40 12.19 -5.17
N LEU A 98 5.01 13.47 -5.37
CA LEU A 98 3.95 13.79 -6.30
C LEU A 98 4.44 13.51 -7.71
N PHE A 99 5.69 13.85 -8.02
CA PHE A 99 6.25 13.57 -9.34
C PHE A 99 6.59 12.06 -9.51
N SER A 100 6.85 11.32 -8.42
CA SER A 100 7.12 9.88 -8.50
C SER A 100 5.83 9.10 -8.89
N MET A 101 4.66 9.63 -8.49
CA MET A 101 3.35 9.04 -8.70
C MET A 101 2.65 9.55 -9.97
N ALA A 102 3.11 10.66 -10.56
CA ALA A 102 2.54 11.22 -11.78
C ALA A 102 3.45 10.90 -13.00
N PHE A 103 3.93 9.64 -13.08
CA PHE A 103 4.83 9.10 -14.12
C PHE A 103 5.31 7.66 -13.79
N SER A 104 5.55 6.86 -14.86
CA SER A 104 6.07 5.48 -14.83
C SER A 104 6.92 5.20 -16.10
N ASP A 105 7.89 4.23 -16.01
CA ASP A 105 8.84 3.81 -17.05
C ASP A 105 8.17 3.57 -18.44
#